data_3HQF
#
_entry.id   3HQF
#
_cell.length_a   43.156
_cell.length_b   43.156
_cell.length_c   253.648
_cell.angle_alpha   90.00
_cell.angle_beta   90.00
_cell.angle_gamma   90.00
#
_symmetry.space_group_name_H-M   'P 43 21 2'
#
loop_
_entity.id
_entity.type
_entity.pdbx_description
1 polymer 'Restriction endonuclease'
2 polymer "5'-D(*GP*CP*CP*CP*TP*GP*GP*CP*G)-3'"
3 polymer "5'-D(*CP*GP*CP*CP*AP*GP*GP*GP*C)-3'"
4 water water
#
loop_
_entity_poly.entity_id
_entity_poly.type
_entity_poly.pdbx_seq_one_letter_code
_entity_poly.pdbx_strand_id
1 'polypeptide(L)'
;MRGSHHHHHHGSSVFHNWLLEIACENYFVYIKRLSANDTGATGGHQVGLYIPSGIVEKLFPSINHTRELNPSVFLTAHVS
SHDCPDSEARAIYYNSRHFGKTRNEKRITRWGRGSPLQDPENTGALTLLAFKLDEQGGDCKEVNIWVCASTDEEDVIETA
IGEVIPGALISGPAGQILGGL
;
A
2 'polydeoxyribonucleotide' (DG)(DC)(DC)(DC)(DT)(DG)(DG)(DC)(DG) B
3 'polydeoxyribonucleotide' (DC)(DG)(DC)(DC)(DA)(DG)(DG)(DG)(DC) C
#
# COMPACT_ATOMS: atom_id res chain seq x y z
N HIS A 9 -24.43 3.76 7.68
CA HIS A 9 -23.72 4.58 6.66
C HIS A 9 -22.26 4.87 7.07
N HIS A 10 -21.98 4.83 8.38
CA HIS A 10 -20.63 5.14 8.92
C HIS A 10 -20.28 6.66 8.85
N GLY A 11 -19.86 7.23 9.97
CA GLY A 11 -19.07 8.50 9.92
C GLY A 11 -17.61 8.05 9.77
N SER A 12 -16.88 8.06 10.87
CA SER A 12 -15.56 7.44 10.90
C SER A 12 -15.23 6.48 12.09
N SER A 13 -16.22 6.13 12.91
CA SER A 13 -15.96 5.22 14.04
C SER A 13 -15.23 3.92 13.72
N VAL A 14 -15.67 3.19 12.71
CA VAL A 14 -15.08 1.91 12.28
C VAL A 14 -13.64 2.07 11.74
N PHE A 15 -13.45 3.08 10.86
CA PHE A 15 -12.09 3.53 10.49
C PHE A 15 -11.20 3.73 11.75
N HIS A 16 -11.62 4.57 12.69
CA HIS A 16 -10.84 4.90 13.84
C HIS A 16 -10.43 3.67 14.61
N ASN A 17 -11.37 2.71 14.75
CA ASN A 17 -11.13 1.51 15.54
C ASN A 17 -10.07 0.62 14.86
N TRP A 18 -10.13 0.59 13.53
CA TRP A 18 -9.18 -0.15 12.75
C TRP A 18 -7.80 0.50 12.86
N LEU A 19 -7.75 1.83 12.86
CA LEU A 19 -6.50 2.56 13.01
C LEU A 19 -5.78 2.23 14.33
N LEU A 20 -6.56 2.15 15.43
CA LEU A 20 -6.02 1.91 16.73
C LEU A 20 -5.41 0.52 16.75
N GLU A 21 -6.08 -0.44 16.12
CA GLU A 21 -5.58 -1.79 16.07
C GLU A 21 -4.25 -1.85 15.27
N ILE A 22 -4.20 -1.26 14.08
CA ILE A 22 -2.94 -1.13 13.34
C ILE A 22 -1.88 -0.42 14.19
N ALA A 23 -2.24 0.73 14.74
CA ALA A 23 -1.31 1.55 15.56
C ALA A 23 -0.61 0.77 16.68
N CYS A 24 -1.19 -0.31 17.17
CA CYS A 24 -0.58 -0.91 18.33
C CYS A 24 -0.13 -2.33 18.04
N GLU A 25 -0.21 -2.72 16.76
CA GLU A 25 0.26 -4.03 16.31
C GLU A 25 1.48 -3.87 15.39
N ASN A 26 2.07 -4.97 14.93
CA ASN A 26 3.37 -4.85 14.31
C ASN A 26 3.27 -4.61 12.83
N TYR A 27 2.92 -3.37 12.49
CA TYR A 27 2.76 -2.93 11.10
C TYR A 27 3.64 -1.80 10.66
N PHE A 28 3.92 -1.81 9.38
CA PHE A 28 4.62 -0.71 8.75
C PHE A 28 3.60 -0.16 7.77
N VAL A 29 3.43 1.16 7.78
CA VAL A 29 2.31 1.81 7.08
C VAL A 29 2.80 2.61 5.89
N TYR A 30 2.05 2.50 4.79
CA TYR A 30 2.25 3.26 3.54
C TYR A 30 0.95 3.98 3.28
N ILE A 31 1.04 5.32 3.21
CA ILE A 31 -0.12 6.21 3.05
C ILE A 31 0.07 7.07 1.80
N LYS A 32 -0.92 7.10 0.91
CA LYS A 32 -0.86 7.96 -0.26
C LYS A 32 -2.21 8.25 -0.78
N ARG A 33 -2.28 9.27 -1.63
CA ARG A 33 -3.43 9.47 -2.50
C ARG A 33 -3.26 8.55 -3.70
N LEU A 34 -4.24 7.72 -3.98
CA LEU A 34 -4.07 6.86 -5.13
C LEU A 34 -3.88 7.71 -6.40
N SER A 35 -2.92 7.34 -7.26
CA SER A 35 -2.83 8.08 -8.51
C SER A 35 -3.84 7.52 -9.54
N ALA A 36 -4.04 8.22 -10.65
CA ALA A 36 -4.91 7.72 -11.71
C ALA A 36 -4.35 6.43 -12.31
N ASN A 37 -3.03 6.36 -12.43
CA ASN A 37 -2.34 5.13 -12.86
C ASN A 37 -2.46 3.96 -11.91
N ASP A 38 -2.34 4.21 -10.60
CA ASP A 38 -2.54 3.15 -9.61
C ASP A 38 -3.91 2.51 -9.78
N THR A 39 -4.95 3.32 -9.90
CA THR A 39 -6.31 2.79 -9.95
C THR A 39 -6.71 2.25 -11.31
N GLY A 40 -5.99 2.63 -12.35
CA GLY A 40 -6.29 2.18 -13.70
C GLY A 40 -7.08 3.22 -14.49
N ALA A 41 -7.34 4.38 -13.87
CA ALA A 41 -8.16 5.44 -14.49
C ALA A 41 -7.51 6.02 -15.77
N THR A 42 -6.20 5.75 -15.95
CA THR A 42 -5.44 6.31 -17.06
C THR A 42 -5.69 5.55 -18.33
N GLY A 43 -6.11 4.30 -18.20
CA GLY A 43 -6.30 3.46 -19.36
C GLY A 43 -5.10 2.56 -19.55
N GLY A 44 -4.09 2.72 -18.70
CA GLY A 44 -2.90 1.86 -18.77
C GLY A 44 -3.13 0.47 -18.16
N HIS A 45 -2.30 -0.50 -18.54
CA HIS A 45 -2.43 -1.88 -18.08
C HIS A 45 -1.48 -2.26 -16.91
N GLN A 46 -1.18 -1.32 -16.02
CA GLN A 46 -0.25 -1.59 -14.95
C GLN A 46 -0.87 -2.53 -13.93
N VAL A 47 -2.19 -2.49 -13.84
CA VAL A 47 -2.94 -3.29 -12.85
C VAL A 47 -2.17 -3.46 -11.55
N GLY A 48 -1.66 -2.37 -11.01
CA GLY A 48 -0.93 -2.45 -9.77
C GLY A 48 -0.56 -1.12 -9.18
N LEU A 49 0.02 -1.16 -7.98
CA LEU A 49 0.30 0.03 -7.18
C LEU A 49 1.75 0.38 -7.23
N TYR A 50 2.05 1.63 -7.58
CA TYR A 50 3.40 2.15 -7.48
C TYR A 50 3.79 2.26 -6.02
N ILE A 51 4.93 1.66 -5.66
CA ILE A 51 5.45 1.81 -4.30
C ILE A 51 6.88 2.37 -4.25
N PRO A 52 7.21 3.12 -3.19
CA PRO A 52 8.59 3.67 -3.19
C PRO A 52 9.58 2.64 -2.73
N SER A 53 10.80 2.84 -3.15
CA SER A 53 11.90 1.95 -2.83
C SER A 53 11.97 1.52 -1.36
N GLY A 54 11.95 2.45 -0.43
CA GLY A 54 11.98 2.12 1.02
C GLY A 54 10.94 1.09 1.50
N ILE A 55 9.76 1.06 0.92
CA ILE A 55 8.84 -0.02 1.27
C ILE A 55 9.45 -1.42 1.04
N VAL A 56 10.08 -1.62 -0.14
CA VAL A 56 10.68 -2.93 -0.47
C VAL A 56 11.88 -3.24 0.38
N GLU A 57 12.72 -2.24 0.62
CA GLU A 57 13.93 -2.38 1.42
C GLU A 57 13.55 -2.93 2.79
N LYS A 58 12.48 -2.40 3.38
CA LYS A 58 12.10 -2.87 4.71
C LYS A 58 11.20 -4.12 4.70
N LEU A 59 10.27 -4.21 3.74
CA LEU A 59 9.24 -5.24 3.83
C LEU A 59 9.51 -6.52 3.05
N PHE A 60 10.35 -6.43 2.01
CA PHE A 60 10.57 -7.52 1.05
C PHE A 60 12.08 -7.56 0.73
N PRO A 61 12.88 -7.89 1.74
CA PRO A 61 14.31 -7.89 1.48
C PRO A 61 14.69 -8.90 0.40
N SER A 62 14.02 -10.06 0.38
CA SER A 62 14.44 -11.12 -0.52
C SER A 62 14.42 -10.62 -1.97
N ILE A 63 13.58 -9.63 -2.28
CA ILE A 63 13.50 -9.14 -3.65
C ILE A 63 14.36 -7.88 -3.86
N ASN A 64 15.09 -7.49 -2.83
CA ASN A 64 15.75 -6.18 -2.92
C ASN A 64 17.15 -6.23 -3.49
N HIS A 65 17.25 -6.46 -4.80
CA HIS A 65 18.56 -6.67 -5.42
C HIS A 65 18.54 -6.69 -6.94
N THR A 66 19.74 -6.73 -7.50
CA THR A 66 19.91 -6.63 -8.93
C THR A 66 20.74 -7.79 -9.40
N ARG A 67 20.64 -8.95 -8.74
CA ARG A 67 21.43 -10.10 -9.18
C ARG A 67 20.57 -11.14 -9.85
N GLU A 68 19.37 -10.71 -10.21
CA GLU A 68 18.42 -11.56 -10.91
C GLU A 68 17.45 -10.56 -11.52
N LEU A 69 16.83 -10.89 -12.64
CA LEU A 69 15.98 -9.90 -13.34
C LEU A 69 14.55 -9.92 -12.80
N ASN A 70 14.00 -8.76 -12.46
CA ASN A 70 12.63 -8.62 -11.92
C ASN A 70 12.22 -9.60 -10.79
N PRO A 71 13.01 -9.66 -9.70
CA PRO A 71 12.55 -10.56 -8.62
C PRO A 71 11.18 -10.20 -8.01
N SER A 72 10.40 -11.17 -7.56
CA SER A 72 9.09 -10.87 -6.99
C SER A 72 8.76 -11.86 -5.89
N VAL A 73 7.71 -11.56 -5.12
CA VAL A 73 7.37 -12.43 -4.03
C VAL A 73 5.88 -12.24 -3.86
N PHE A 74 5.18 -13.19 -3.27
CA PHE A 74 3.74 -13.06 -3.09
C PHE A 74 3.35 -12.69 -1.69
N LEU A 75 2.13 -12.18 -1.54
CA LEU A 75 1.59 -11.87 -0.23
C LEU A 75 0.09 -11.81 -0.33
N THR A 76 -0.57 -11.97 0.82
CA THR A 76 -2.01 -11.86 0.91
C THR A 76 -2.42 -10.42 1.12
N ALA A 77 -3.26 -9.94 0.20
CA ALA A 77 -3.88 -8.61 0.24
C ALA A 77 -5.26 -8.79 0.83
N HIS A 78 -5.53 -8.06 1.87
CA HIS A 78 -6.83 -8.15 2.47
C HIS A 78 -7.30 -6.71 2.60
N VAL A 79 -8.51 -6.47 2.14
CA VAL A 79 -9.07 -5.11 2.14
C VAL A 79 -10.00 -4.95 3.31
N SER A 80 -9.71 -4.01 4.20
CA SER A 80 -10.42 -3.89 5.44
C SER A 80 -11.56 -2.92 5.33
N SER A 81 -11.49 -1.99 4.37
CA SER A 81 -12.48 -0.92 4.24
C SER A 81 -13.65 -1.30 3.34
N HIS A 82 -13.48 -2.39 2.59
CA HIS A 82 -14.45 -2.80 1.59
C HIS A 82 -14.65 -4.30 1.71
N ASP A 83 -15.86 -4.74 1.40
CA ASP A 83 -16.15 -6.16 1.18
C ASP A 83 -15.67 -6.50 -0.23
N CYS A 84 -14.71 -7.44 -0.27
CA CYS A 84 -13.84 -7.59 -1.40
C CYS A 84 -13.06 -8.87 -1.16
N PRO A 85 -12.95 -9.76 -2.16
CA PRO A 85 -12.21 -10.99 -1.88
C PRO A 85 -10.71 -10.67 -1.69
N ASP A 86 -10.06 -11.39 -0.77
CA ASP A 86 -8.63 -11.37 -0.62
C ASP A 86 -7.95 -11.79 -1.92
N SER A 87 -6.71 -11.31 -2.15
CA SER A 87 -5.90 -11.93 -3.21
C SER A 87 -4.43 -12.13 -2.91
N GLU A 88 -3.78 -12.96 -3.71
CA GLU A 88 -2.34 -13.13 -3.64
C GLU A 88 -1.65 -12.03 -4.42
N ALA A 89 -1.31 -10.91 -3.77
CA ALA A 89 -0.76 -9.76 -4.48
C ALA A 89 0.68 -10.13 -4.70
N ARG A 90 1.37 -9.44 -5.63
CA ARG A 90 2.73 -9.81 -6.05
C ARG A 90 3.59 -8.56 -5.99
N ALA A 91 4.59 -8.55 -5.11
CA ALA A 91 5.45 -7.39 -4.92
C ALA A 91 6.62 -7.59 -5.83
N ILE A 92 6.94 -6.60 -6.65
CA ILE A 92 7.91 -6.79 -7.72
C ILE A 92 8.92 -5.65 -7.76
N TYR A 93 10.19 -5.99 -7.99
CA TYR A 93 11.24 -5.03 -8.27
C TYR A 93 11.59 -5.06 -9.76
N TYR A 94 11.01 -4.16 -10.54
CA TYR A 94 11.38 -4.01 -11.93
C TYR A 94 12.73 -3.30 -12.00
N ASN A 95 13.75 -4.06 -12.35
CA ASN A 95 15.10 -3.59 -12.23
C ASN A 95 15.92 -3.71 -13.49
N SER A 96 15.26 -3.67 -14.64
CA SER A 96 15.96 -3.90 -15.89
C SER A 96 17.07 -2.87 -16.25
N ARG A 97 17.15 -1.74 -15.53
CA ARG A 97 18.27 -0.80 -15.74
C ARG A 97 19.59 -1.50 -15.48
N HIS A 98 19.57 -2.49 -14.60
CA HIS A 98 20.76 -3.27 -14.37
C HIS A 98 20.99 -4.29 -15.49
N PHE A 99 19.95 -4.68 -16.20
CA PHE A 99 20.16 -5.68 -17.24
C PHE A 99 20.16 -5.10 -18.65
N GLY A 100 20.59 -3.84 -18.79
CA GLY A 100 20.70 -3.20 -20.11
C GLY A 100 19.48 -2.45 -20.63
N LYS A 101 18.43 -2.32 -19.82
CA LYS A 101 17.17 -1.69 -20.26
C LYS A 101 16.88 -0.49 -19.35
N THR A 102 15.63 -0.20 -18.98
CA THR A 102 15.38 1.15 -18.49
C THR A 102 14.69 1.23 -17.16
N ARG A 103 14.13 0.13 -16.68
CA ARG A 103 13.30 0.13 -15.48
C ARG A 103 14.06 0.07 -14.18
N ASN A 104 13.56 0.77 -13.17
CA ASN A 104 14.13 0.70 -11.84
C ASN A 104 13.08 1.16 -10.83
N GLU A 105 12.04 0.37 -10.67
CA GLU A 105 11.03 0.71 -9.72
C GLU A 105 10.33 -0.52 -9.20
N LYS A 106 9.63 -0.30 -8.09
CA LYS A 106 8.90 -1.31 -7.36
C LYS A 106 7.41 -1.19 -7.57
N ARG A 107 6.69 -2.30 -7.35
CA ARG A 107 5.29 -2.35 -7.67
C ARG A 107 4.65 -3.46 -6.87
N ILE A 108 3.36 -3.30 -6.57
CA ILE A 108 2.52 -4.42 -6.15
C ILE A 108 1.38 -4.59 -7.16
N THR A 109 1.30 -5.75 -7.79
CA THR A 109 0.23 -6.01 -8.73
C THR A 109 -0.63 -7.15 -8.20
N ARG A 110 -1.68 -7.53 -8.95
CA ARG A 110 -2.62 -8.62 -8.59
C ARG A 110 -3.53 -8.27 -7.39
N TRP A 111 -4.17 -7.12 -7.42
CA TRP A 111 -5.14 -6.79 -6.40
C TRP A 111 -6.51 -7.43 -6.73
N GLY A 112 -6.77 -7.71 -8.00
CA GLY A 112 -8.05 -8.20 -8.49
C GLY A 112 -8.79 -7.05 -9.15
N ARG A 113 -9.64 -7.36 -10.14
CA ARG A 113 -10.39 -6.30 -10.86
C ARG A 113 -11.38 -5.60 -9.95
N GLY A 114 -11.84 -6.31 -8.92
CA GLY A 114 -12.84 -5.76 -7.99
C GLY A 114 -12.33 -5.04 -6.74
N SER A 115 -11.00 -4.92 -6.57
CA SER A 115 -10.40 -4.26 -5.42
C SER A 115 -10.70 -2.76 -5.43
N PRO A 116 -10.79 -2.11 -4.24
CA PRO A 116 -10.82 -0.63 -4.35
C PRO A 116 -9.48 -0.05 -4.90
N LEU A 117 -8.41 -0.84 -4.90
CA LEU A 117 -7.11 -0.40 -5.43
C LEU A 117 -7.09 -0.52 -6.97
N GLN A 118 -8.18 -1.00 -7.54
CA GLN A 118 -8.27 -1.12 -9.00
C GLN A 118 -9.55 -0.46 -9.50
N ASP A 119 -10.19 0.33 -8.63
CA ASP A 119 -11.38 1.11 -8.97
C ASP A 119 -11.01 2.56 -9.40
N PRO A 120 -11.27 2.92 -10.67
CA PRO A 120 -10.84 4.21 -11.17
C PRO A 120 -11.36 5.41 -10.36
N GLU A 121 -12.42 5.20 -9.61
CA GLU A 121 -13.08 6.26 -8.86
C GLU A 121 -12.40 6.60 -7.56
N ASN A 122 -11.55 5.70 -7.10
CA ASN A 122 -10.71 5.96 -5.93
C ASN A 122 -9.44 6.74 -6.24
N THR A 123 -9.33 7.27 -7.44
CA THR A 123 -8.25 8.12 -7.82
C THR A 123 -8.30 9.34 -6.88
N GLY A 124 -7.21 9.57 -6.15
CA GLY A 124 -7.15 10.72 -5.25
C GLY A 124 -7.58 10.31 -3.86
N ALA A 125 -8.08 9.08 -3.70
CA ALA A 125 -8.48 8.56 -2.41
C ALA A 125 -7.27 8.37 -1.50
N LEU A 126 -7.44 8.80 -0.27
CA LEU A 126 -6.46 8.64 0.74
C LEU A 126 -6.45 7.17 1.13
N THR A 127 -5.35 6.50 0.84
CA THR A 127 -5.24 5.10 1.19
C THR A 127 -4.15 4.82 2.20
N LEU A 128 -4.39 3.81 3.00
CA LEU A 128 -3.40 3.31 3.91
C LEU A 128 -3.20 1.81 3.71
N LEU A 129 -1.98 1.43 3.42
CA LEU A 129 -1.60 0.00 3.37
C LEU A 129 -0.80 -0.36 4.62
N ALA A 130 -1.34 -1.25 5.42
CA ALA A 130 -0.66 -1.69 6.60
C ALA A 130 0.00 -3.05 6.31
N PHE A 131 1.33 -3.00 6.16
CA PHE A 131 2.13 -4.21 5.91
C PHE A 131 2.45 -4.88 7.27
N LYS A 132 2.11 -6.16 7.39
CA LYS A 132 2.32 -6.93 8.62
C LYS A 132 3.75 -7.40 8.62
N LEU A 133 4.52 -6.95 9.60
CA LEU A 133 5.93 -7.24 9.61
C LEU A 133 6.16 -8.70 9.97
N ASP A 134 7.18 -9.28 9.36
CA ASP A 134 7.56 -10.63 9.66
C ASP A 134 8.45 -10.61 10.88
N GLU A 135 7.98 -11.15 11.99
CA GLU A 135 8.74 -11.08 13.22
C GLU A 135 9.84 -12.08 13.30
N GLN A 136 10.05 -12.80 12.23
CA GLN A 136 10.98 -13.87 12.25
C GLN A 136 12.04 -13.63 11.20
N GLY A 137 11.90 -12.53 10.48
CA GLY A 137 13.05 -11.99 9.73
C GLY A 137 12.99 -11.93 8.21
N GLY A 138 11.94 -12.49 7.64
CA GLY A 138 11.79 -12.46 6.19
C GLY A 138 10.87 -11.37 5.61
N ASP A 139 10.24 -11.75 4.51
CA ASP A 139 9.36 -10.92 3.76
C ASP A 139 8.00 -10.80 4.43
N CYS A 140 7.41 -9.59 4.34
CA CYS A 140 6.04 -9.35 4.72
C CYS A 140 5.18 -10.33 3.99
N LYS A 141 4.19 -10.91 4.66
CA LYS A 141 3.43 -11.98 4.03
C LYS A 141 1.99 -11.58 3.87
N GLU A 142 1.70 -10.32 4.25
CA GLU A 142 0.33 -9.87 4.37
C GLU A 142 0.26 -8.36 4.47
N VAL A 143 -0.72 -7.79 3.78
CA VAL A 143 -0.97 -6.38 3.85
C VAL A 143 -2.47 -6.14 4.07
N ASN A 144 -2.78 -5.28 5.03
CA ASN A 144 -4.14 -4.85 5.20
C ASN A 144 -4.35 -3.49 4.62
N ILE A 145 -5.32 -3.35 3.73
CA ILE A 145 -5.63 -2.11 3.01
C ILE A 145 -6.87 -1.39 3.50
N TRP A 146 -6.80 -0.05 3.58
CA TRP A 146 -7.99 0.74 3.84
C TRP A 146 -8.00 1.89 2.87
N VAL A 147 -8.99 1.94 1.98
CA VAL A 147 -9.14 3.07 1.08
C VAL A 147 -10.21 3.95 1.66
N CYS A 148 -9.91 5.19 2.02
CA CYS A 148 -10.94 6.00 2.65
C CYS A 148 -12.11 6.20 1.69
N ALA A 149 -13.30 6.09 2.24
CA ALA A 149 -14.50 6.10 1.43
C ALA A 149 -15.17 7.49 1.44
N SER A 150 -14.77 8.33 2.37
CA SER A 150 -15.36 9.64 2.50
C SER A 150 -14.37 10.63 3.07
N THR A 151 -14.70 11.89 2.93
CA THR A 151 -13.89 12.96 3.47
C THR A 151 -13.77 12.87 5.01
N ASP A 152 -14.81 12.35 5.67
CA ASP A 152 -14.83 12.08 7.11
C ASP A 152 -13.69 11.19 7.56
N GLU A 153 -13.50 10.09 6.87
CA GLU A 153 -12.43 9.18 7.21
C GLU A 153 -11.11 9.84 6.89
N GLU A 154 -11.02 10.55 5.77
CA GLU A 154 -9.78 11.26 5.41
C GLU A 154 -9.39 12.22 6.50
N ASP A 155 -10.36 12.88 7.12
CA ASP A 155 -10.04 13.86 8.17
C ASP A 155 -9.39 13.21 9.41
N VAL A 156 -9.69 11.97 9.69
CA VAL A 156 -9.16 11.31 10.88
C VAL A 156 -7.66 11.14 10.79
N ILE A 157 -7.20 10.74 9.62
CA ILE A 157 -5.82 10.56 9.38
C ILE A 157 -5.20 11.89 9.17
N GLU A 158 -5.81 12.76 8.37
CA GLU A 158 -5.17 14.02 8.06
C GLU A 158 -5.09 14.93 9.28
N THR A 159 -6.10 14.85 10.15
CA THR A 159 -6.04 15.48 11.45
C THR A 159 -4.87 14.93 12.23
N ALA A 160 -4.67 13.60 12.23
CA ALA A 160 -3.58 12.98 12.98
C ALA A 160 -2.14 13.20 12.46
N ILE A 161 -1.92 13.08 11.14
CA ILE A 161 -0.54 13.09 10.58
C ILE A 161 -0.26 14.25 9.61
N GLY A 162 -1.21 15.15 9.43
CA GLY A 162 -1.09 16.16 8.38
C GLY A 162 -1.75 15.73 7.08
N GLU A 163 -1.98 16.71 6.23
CA GLU A 163 -2.51 16.53 4.93
C GLU A 163 -1.68 15.55 4.05
N VAL A 164 -2.38 14.70 3.30
CA VAL A 164 -1.73 13.80 2.39
C VAL A 164 -1.89 14.31 0.99
N ILE A 165 -0.76 14.54 0.35
CA ILE A 165 -0.65 15.31 -0.88
C ILE A 165 -0.19 14.34 -1.99
N PRO A 166 -0.89 14.29 -3.16
CA PRO A 166 -0.43 13.41 -4.28
C PRO A 166 1.10 13.50 -4.53
N GLY A 167 1.78 12.38 -4.80
CA GLY A 167 3.22 12.41 -5.00
C GLY A 167 4.09 12.43 -3.73
N ALA A 168 3.52 12.77 -2.58
CA ALA A 168 4.34 12.98 -1.43
C ALA A 168 4.11 11.79 -0.49
N LEU A 169 4.97 10.80 -0.62
CA LEU A 169 4.58 9.52 -0.07
C LEU A 169 4.98 9.46 1.43
N ILE A 170 4.10 8.83 2.22
CA ILE A 170 4.32 8.68 3.65
C ILE A 170 4.41 7.23 3.98
N SER A 171 5.44 6.88 4.74
CA SER A 171 5.62 5.50 5.18
C SER A 171 6.39 5.45 6.47
N GLY A 172 6.19 4.39 7.22
CA GLY A 172 6.82 4.30 8.52
C GLY A 172 6.12 3.30 9.40
N PRO A 173 6.79 2.90 10.52
CA PRO A 173 6.22 1.91 11.45
C PRO A 173 4.98 2.50 12.05
N ALA A 174 3.95 1.68 12.21
CA ALA A 174 2.65 2.09 12.77
C ALA A 174 2.79 2.89 14.03
N GLY A 175 3.62 2.44 14.95
CA GLY A 175 3.78 3.13 16.26
C GLY A 175 4.27 4.58 16.15
N GLN A 176 4.84 4.92 15.00
CA GLN A 176 5.34 6.25 14.76
C GLN A 176 4.31 7.06 13.95
N ILE A 177 3.94 6.59 12.75
CA ILE A 177 2.94 7.28 11.96
C ILE A 177 1.61 7.55 12.73
N LEU A 178 1.14 6.57 13.49
CA LEU A 178 -0.14 6.63 14.13
C LEU A 178 -0.01 6.87 15.63
N GLY A 179 1.15 7.35 16.05
CA GLY A 179 1.35 7.56 17.49
C GLY A 179 0.52 8.71 18.01
N GLY A 180 0.10 9.57 17.09
CA GLY A 180 -0.64 10.77 17.43
C GLY A 180 -2.14 10.58 17.59
N LEU A 181 -2.63 9.34 17.46
CA LEU A 181 -4.01 9.04 17.82
C LEU A 181 -3.89 9.02 19.31
#